data_5W1Y
#
_entry.id   5W1Y
#
_cell.length_a   58.348
_cell.length_b   39.788
_cell.length_c   131.895
_cell.angle_alpha   90.000
_cell.angle_beta   90.000
_cell.angle_gamma   90.000
#
_symmetry.space_group_name_H-M   'P 21 21 21'
#
loop_
_entity.id
_entity.type
_entity.pdbx_description
1 polymer 'N-lysine methyltransferase KMT5A'
2 non-polymer 2-(4-methylpiperazin-1-yl)-3-(phenylsulfanyl)naphthalene-1,4-dione
3 non-polymer 'UNKNOWN ATOM OR ION'
4 water water
#
_entity_poly.entity_id   1
_entity_poly.type   'polypeptide(L)'
_entity_poly.pdbx_seq_one_letter_code
;GAMGSRKSKAELQSEERKRIDELIESGKEEGMKIDLIDGKGRGVIATKQFSRGDFVVEYHGDLIEITDAKKREALYAQDP
STGCYMYYFQYLSKTYCVDATRETNRLGRLINHSKSGNCQTKLHDIDGVPHLILIASRDIAAGEELLYDYGDRSKASIEA
HPWLKH
;
_entity_poly.pdbx_strand_id   A,B
#
loop_
_chem_comp.id
_chem_comp.type
_chem_comp.name
_chem_comp.formula
9SV non-polymer 2-(4-methylpiperazin-1-yl)-3-(phenylsulfanyl)naphthalene-1,4-dione 'C21 H20 N2 O2 S'
UNX non-polymer 'UNKNOWN ATOM OR ION' ?
#
# COMPACT_ATOMS: atom_id res chain seq x y z
N SER A 5 22.63 -2.04 -36.96
CA SER A 5 22.44 -3.39 -36.37
C SER A 5 22.31 -4.44 -37.45
N ARG A 6 22.92 -5.58 -37.20
CA ARG A 6 22.80 -6.76 -38.04
C ARG A 6 21.72 -7.70 -37.47
N LYS A 7 21.18 -7.34 -36.31
CA LYS A 7 20.32 -8.19 -35.51
C LYS A 7 18.86 -7.99 -35.96
N SER A 8 18.15 -9.06 -36.36
CA SER A 8 16.73 -8.93 -36.71
C SER A 8 15.87 -8.74 -35.44
N LYS A 9 14.59 -8.39 -35.61
CA LYS A 9 13.66 -8.30 -34.46
C LYS A 9 13.57 -9.65 -33.72
N ALA A 10 13.48 -10.72 -34.51
CA ALA A 10 13.38 -12.07 -33.95
C ALA A 10 14.68 -12.49 -33.25
N GLU A 11 15.84 -12.19 -33.83
CA GLU A 11 17.12 -12.41 -33.13
C GLU A 11 17.23 -11.65 -31.78
N LEU A 12 16.85 -10.40 -31.80
CA LEU A 12 16.84 -9.54 -30.59
C LEU A 12 15.96 -10.15 -29.50
N GLN A 13 14.76 -10.57 -29.89
CA GLN A 13 13.84 -11.17 -28.97
C GLN A 13 14.40 -12.45 -28.39
N SER A 14 15.03 -13.29 -29.23
CA SER A 14 15.57 -14.54 -28.74
CA SER A 14 15.56 -14.54 -28.74
C SER A 14 16.70 -14.28 -27.75
N GLU A 15 17.53 -13.30 -28.08
CA GLU A 15 18.65 -12.92 -27.28
C GLU A 15 18.16 -12.37 -25.91
N GLU A 16 17.25 -11.41 -26.01
CA GLU A 16 16.65 -10.80 -24.81
CA GLU A 16 16.55 -10.78 -24.85
C GLU A 16 15.94 -11.84 -23.94
N ARG A 17 15.24 -12.80 -24.56
CA ARG A 17 14.59 -13.90 -23.80
C ARG A 17 15.56 -14.78 -23.00
N LYS A 18 16.68 -15.14 -23.59
CA LYS A 18 17.76 -15.83 -22.89
C LYS A 18 18.29 -15.04 -21.67
N ARG A 19 18.49 -13.73 -21.87
CA ARG A 19 19.02 -12.84 -20.84
C ARG A 19 18.05 -12.81 -19.66
N ILE A 20 16.78 -12.65 -19.98
CA ILE A 20 15.75 -12.60 -18.99
C ILE A 20 15.56 -13.95 -18.29
N ASP A 21 15.56 -15.07 -19.02
CA ASP A 21 15.43 -16.42 -18.37
C ASP A 21 16.50 -16.57 -17.30
N GLU A 22 17.72 -16.15 -17.62
CA GLU A 22 18.83 -16.39 -16.70
C GLU A 22 18.69 -15.50 -15.45
N LEU A 23 18.18 -14.30 -15.62
CA LEU A 23 17.92 -13.40 -14.46
C LEU A 23 16.74 -13.79 -13.61
N ILE A 24 15.74 -14.45 -14.20
CA ILE A 24 14.68 -15.05 -13.39
C ILE A 24 15.18 -16.25 -12.57
N GLU A 25 15.96 -17.12 -13.20
CA GLU A 25 16.54 -18.32 -12.57
C GLU A 25 17.44 -17.90 -11.38
N SER A 26 18.32 -16.92 -11.64
CA SER A 26 19.25 -16.44 -10.62
C SER A 26 18.55 -15.61 -9.53
N GLY A 27 17.57 -14.80 -9.92
CA GLY A 27 16.94 -13.88 -8.96
C GLY A 27 17.83 -12.67 -8.59
N LYS A 28 18.91 -12.47 -9.31
CA LYS A 28 19.79 -11.34 -9.04
C LYS A 28 19.12 -9.99 -9.40
N GLU A 29 19.23 -9.03 -8.47
CA GLU A 29 18.57 -7.76 -8.61
C GLU A 29 19.60 -6.64 -8.41
N GLU A 30 20.62 -6.62 -9.28
CA GLU A 30 21.68 -5.65 -9.09
C GLU A 30 21.24 -4.36 -9.72
N GLY A 31 21.88 -3.32 -9.26
CA GLY A 31 21.68 -2.03 -9.84
C GLY A 31 20.54 -1.28 -9.20
N MET A 32 20.12 -1.68 -8.01
CA MET A 32 19.02 -0.94 -7.35
C MET A 32 19.04 -1.12 -5.85
N LYS A 33 18.41 -0.22 -5.11
CA LYS A 33 18.30 -0.32 -3.65
C LYS A 33 16.93 0.12 -3.16
N ILE A 34 16.51 -0.44 -2.04
CA ILE A 34 15.31 0.01 -1.31
C ILE A 34 15.65 1.38 -0.76
N ASP A 35 14.76 2.35 -0.87
CA ASP A 35 15.02 3.63 -0.26
C ASP A 35 13.76 4.08 0.47
N LEU A 36 13.95 5.14 1.27
CA LEU A 36 12.83 5.84 1.91
C LEU A 36 12.73 7.21 1.23
N ILE A 37 11.52 7.56 0.80
CA ILE A 37 11.27 8.73 -0.03
C ILE A 37 10.18 9.60 0.61
N ASP A 38 10.56 10.83 0.83
CA ASP A 38 9.67 11.87 1.35
C ASP A 38 8.34 11.86 0.61
N GLY A 39 7.26 11.85 1.38
CA GLY A 39 5.91 11.85 0.80
C GLY A 39 5.39 10.53 0.28
N LYS A 40 6.24 9.48 0.19
CA LYS A 40 5.83 8.16 -0.29
C LYS A 40 6.06 7.04 0.71
N GLY A 41 7.22 7.02 1.37
CA GLY A 41 7.62 5.90 2.20
C GLY A 41 8.62 5.08 1.42
N ARG A 42 8.37 3.80 1.29
CA ARG A 42 9.31 2.98 0.60
C ARG A 42 9.24 3.14 -0.91
N GLY A 43 10.36 2.87 -1.55
CA GLY A 43 10.44 2.77 -2.98
C GLY A 43 11.79 2.22 -3.38
N VAL A 44 12.03 2.14 -4.66
CA VAL A 44 13.27 1.55 -5.19
C VAL A 44 13.99 2.53 -6.11
N ILE A 45 15.30 2.68 -5.89
CA ILE A 45 16.14 3.64 -6.60
C ILE A 45 17.13 2.87 -7.45
N ALA A 46 17.31 3.32 -8.67
CA ALA A 46 18.38 2.83 -9.54
C ALA A 46 19.72 3.29 -8.99
N THR A 47 20.67 2.37 -8.88
CA THR A 47 22.06 2.70 -8.52
C THR A 47 23.06 2.40 -9.68
N LYS A 48 22.55 2.14 -10.87
CA LYS A 48 23.42 2.07 -12.07
C LYS A 48 22.60 2.56 -13.23
N GLN A 49 23.22 2.65 -14.40
CA GLN A 49 22.53 3.00 -15.63
C GLN A 49 21.83 1.77 -16.13
N PHE A 50 20.65 2.01 -16.72
CA PHE A 50 19.91 1.04 -17.50
C PHE A 50 19.57 1.68 -18.83
N SER A 51 19.74 0.96 -19.93
CA SER A 51 19.35 1.47 -21.23
C SER A 51 17.93 1.03 -21.54
N ARG A 52 17.22 1.82 -22.36
CA ARG A 52 15.91 1.46 -22.81
C ARG A 52 15.88 0.01 -23.31
N GLY A 53 14.89 -0.72 -22.85
CA GLY A 53 14.67 -2.15 -23.18
C GLY A 53 15.33 -3.17 -22.27
N ASP A 54 16.27 -2.73 -21.41
CA ASP A 54 16.94 -3.64 -20.50
C ASP A 54 16.01 -4.21 -19.45
N PHE A 55 16.21 -5.48 -19.10
CA PHE A 55 15.56 -6.04 -17.91
C PHE A 55 16.00 -5.24 -16.69
N VAL A 56 15.02 -4.90 -15.87
CA VAL A 56 15.22 -4.21 -14.62
C VAL A 56 15.02 -5.22 -13.50
N VAL A 57 13.80 -5.73 -13.33
CA VAL A 57 13.56 -6.66 -12.22
C VAL A 57 12.27 -7.42 -12.53
N GLU A 58 12.13 -8.62 -11.96
CA GLU A 58 10.85 -9.34 -11.96
C GLU A 58 9.93 -8.77 -10.87
N TYR A 59 8.64 -8.73 -11.10
CA TYR A 59 7.62 -8.56 -10.05
C TYR A 59 7.39 -9.98 -9.54
N HIS A 60 8.17 -10.31 -8.51
CA HIS A 60 8.34 -11.71 -8.04
C HIS A 60 7.39 -11.98 -6.88
N GLY A 61 6.73 -13.12 -6.96
CA GLY A 61 5.89 -13.55 -5.85
C GLY A 61 5.27 -14.90 -6.21
N ASP A 62 4.15 -15.24 -5.58
CA ASP A 62 3.49 -16.51 -5.83
C ASP A 62 2.46 -16.37 -6.94
N LEU A 63 2.68 -17.03 -8.07
CA LEU A 63 1.69 -17.04 -9.14
C LEU A 63 0.46 -17.92 -8.83
N ILE A 64 -0.72 -17.31 -8.85
CA ILE A 64 -1.97 -17.97 -8.44
C ILE A 64 -3.08 -17.53 -9.35
N GLU A 65 -4.20 -18.27 -9.34
CA GLU A 65 -5.36 -17.85 -10.10
C GLU A 65 -6.31 -17.12 -9.22
N ILE A 66 -7.33 -16.55 -9.86
CA ILE A 66 -8.23 -15.57 -9.25
C ILE A 66 -8.99 -16.02 -8.00
N THR A 67 -9.45 -17.27 -7.98
N THR A 67 -9.47 -17.27 -7.96
CA THR A 67 -10.20 -17.80 -6.85
CA THR A 67 -10.25 -17.74 -6.81
C THR A 67 -9.34 -17.85 -5.60
C THR A 67 -9.35 -17.88 -5.57
N ASP A 68 -8.15 -18.39 -5.78
CA ASP A 68 -7.09 -18.40 -4.75
C ASP A 68 -6.74 -16.98 -4.27
N ALA A 69 -6.56 -16.04 -5.22
CA ALA A 69 -6.21 -14.67 -4.86
C ALA A 69 -7.27 -14.02 -3.97
N LYS A 70 -8.54 -14.23 -4.31
CA LYS A 70 -9.60 -13.64 -3.53
CA LYS A 70 -9.71 -13.77 -3.55
C LYS A 70 -9.65 -14.32 -2.14
N LYS A 71 -9.43 -15.62 -2.04
CA LYS A 71 -9.26 -16.27 -0.71
C LYS A 71 -8.09 -15.63 0.12
N ARG A 72 -6.94 -15.42 -0.51
CA ARG A 72 -5.83 -14.71 0.17
C ARG A 72 -6.15 -13.28 0.62
N GLU A 73 -6.91 -12.54 -0.21
CA GLU A 73 -7.27 -11.22 0.21
C GLU A 73 -8.06 -11.21 1.51
N ALA A 74 -8.93 -12.20 1.71
CA ALA A 74 -9.69 -12.30 2.97
C ALA A 74 -8.76 -12.59 4.16
N LEU A 75 -7.65 -13.27 3.90
CA LEU A 75 -6.73 -13.55 4.98
C LEU A 75 -5.84 -12.35 5.26
N TYR A 76 -5.37 -11.69 4.21
CA TYR A 76 -4.54 -10.52 4.38
C TYR A 76 -5.26 -9.36 5.11
N ALA A 77 -6.56 -9.27 4.90
CA ALA A 77 -7.40 -8.26 5.53
C ALA A 77 -7.44 -8.42 7.06
N GLN A 78 -7.20 -9.65 7.55
CA GLN A 78 -7.03 -9.88 8.99
C GLN A 78 -5.67 -9.45 9.60
N ASP A 79 -4.62 -9.30 8.80
CA ASP A 79 -3.32 -8.94 9.30
C ASP A 79 -3.04 -7.49 8.88
N PRO A 80 -3.19 -6.54 9.79
CA PRO A 80 -3.01 -5.14 9.43
C PRO A 80 -1.67 -4.67 8.90
N SER A 81 -0.62 -5.46 8.99
CA SER A 81 0.69 -5.04 8.52
C SER A 81 0.87 -5.34 7.02
N THR A 82 -0.05 -6.11 6.44
CA THR A 82 0.01 -6.41 4.99
C THR A 82 -0.26 -5.15 4.14
N GLY A 83 0.55 -4.97 3.11
CA GLY A 83 0.34 -3.96 2.08
C GLY A 83 -0.45 -4.59 0.93
N CYS A 84 -0.57 -3.83 -0.14
CA CYS A 84 -1.33 -4.22 -1.32
C CYS A 84 -0.34 -4.62 -2.41
N TYR A 85 -0.11 -5.91 -2.53
CA TYR A 85 0.90 -6.42 -3.43
C TYR A 85 0.39 -7.50 -4.37
N MET A 86 -0.90 -7.53 -4.64
CA MET A 86 -1.48 -8.49 -5.59
C MET A 86 -1.46 -7.87 -6.96
N TYR A 87 -0.78 -8.48 -7.94
CA TYR A 87 -0.75 -7.91 -9.28
C TYR A 87 -1.53 -8.83 -10.21
N TYR A 88 -2.76 -8.45 -10.54
CA TYR A 88 -3.55 -9.25 -11.45
C TYR A 88 -3.21 -8.95 -12.92
N PHE A 89 -3.33 -9.96 -13.75
CA PHE A 89 -3.14 -9.83 -15.20
C PHE A 89 -3.78 -10.99 -15.95
N GLN A 90 -4.02 -10.75 -17.23
CA GLN A 90 -4.55 -11.74 -18.16
C GLN A 90 -3.35 -12.39 -18.86
N TYR A 91 -3.42 -13.71 -19.00
CA TYR A 91 -2.43 -14.48 -19.79
CA TYR A 91 -2.49 -14.43 -19.83
C TYR A 91 -3.23 -15.52 -20.56
N LEU A 92 -3.23 -15.38 -21.89
CA LEU A 92 -4.03 -16.23 -22.77
C LEU A 92 -5.50 -16.19 -22.31
N SER A 93 -6.13 -17.32 -22.01
CA SER A 93 -7.60 -17.36 -21.74
C SER A 93 -7.97 -17.09 -20.29
N LYS A 94 -6.99 -16.77 -19.43
CA LYS A 94 -7.20 -16.71 -17.97
C LYS A 94 -6.56 -15.51 -17.29
N THR A 95 -7.13 -15.15 -16.16
CA THR A 95 -6.59 -14.22 -15.23
C THR A 95 -5.73 -14.97 -14.21
N TYR A 96 -4.57 -14.41 -13.93
CA TYR A 96 -3.68 -14.87 -12.87
C TYR A 96 -3.41 -13.67 -11.96
N CYS A 97 -2.64 -13.90 -10.90
CA CYS A 97 -2.21 -12.85 -10.00
C CYS A 97 -0.84 -13.20 -9.47
N VAL A 98 0.10 -12.27 -9.49
CA VAL A 98 1.36 -12.48 -8.77
C VAL A 98 1.16 -11.87 -7.39
N ASP A 99 1.14 -12.75 -6.38
CA ASP A 99 0.94 -12.35 -4.94
C ASP A 99 2.31 -12.11 -4.32
N ALA A 100 2.67 -10.85 -4.15
CA ALA A 100 3.97 -10.50 -3.53
C ALA A 100 3.80 -9.98 -2.13
N THR A 101 2.68 -10.30 -1.53
CA THR A 101 2.35 -9.76 -0.21
C THR A 101 3.37 -10.30 0.85
C THR A 101 3.38 -9.93 0.93
N ARG A 102 3.85 -11.54 0.65
N ARG A 102 3.85 -11.15 1.14
CA ARG A 102 4.82 -12.19 1.59
CA ARG A 102 4.90 -11.40 2.14
C ARG A 102 6.27 -12.36 1.06
C ARG A 102 6.08 -10.45 1.96
N GLU A 103 6.62 -11.62 0.01
N GLU A 103 6.51 -9.82 3.05
CA GLU A 103 8.00 -11.47 -0.45
CA GLU A 103 7.77 -9.11 3.03
C GLU A 103 8.79 -10.59 0.54
C GLU A 103 8.90 -10.09 2.70
N THR A 104 10.03 -10.96 0.86
N THR A 104 9.64 -9.82 1.62
CA THR A 104 10.86 -10.10 1.70
CA THR A 104 10.71 -10.70 1.11
C THR A 104 11.96 -9.39 0.91
C THR A 104 12.05 -9.97 1.04
N ASN A 105 12.92 -10.20 0.46
N ASN A 105 12.94 -10.48 0.21
CA ASN A 105 14.14 -9.78 -0.24
CA ASN A 105 14.12 -9.76 -0.21
C ASN A 105 13.92 -9.12 -1.59
N ARG A 106 12.98 -9.67 -2.36
CA ARG A 106 12.78 -9.33 -3.76
C ARG A 106 12.07 -8.00 -3.93
N LEU A 107 12.74 -7.06 -4.58
CA LEU A 107 12.36 -5.63 -4.62
C LEU A 107 11.25 -5.14 -5.57
N GLY A 108 10.84 -5.98 -6.51
CA GLY A 108 9.91 -5.55 -7.54
C GLY A 108 8.61 -5.03 -6.99
N ARG A 109 8.11 -5.70 -5.97
CA ARG A 109 6.88 -5.29 -5.29
C ARG A 109 6.91 -3.87 -4.74
N LEU A 110 8.11 -3.34 -4.47
CA LEU A 110 8.23 -2.05 -3.82
C LEU A 110 8.30 -0.88 -4.80
N ILE A 111 8.45 -1.16 -6.08
CA ILE A 111 8.53 -0.09 -7.10
C ILE A 111 7.17 0.61 -7.21
N ASN A 112 7.22 1.93 -7.11
CA ASN A 112 6.05 2.79 -7.07
C ASN A 112 5.47 3.17 -8.44
N HIS A 113 4.26 3.71 -8.34
CA HIS A 113 3.48 4.14 -9.50
C HIS A 113 3.83 5.55 -9.98
N SER A 114 3.86 5.69 -11.29
CA SER A 114 3.75 6.99 -11.94
C SER A 114 3.22 6.85 -13.34
N LYS A 115 2.52 7.90 -13.78
CA LYS A 115 2.16 8.05 -15.19
C LYS A 115 3.32 8.52 -16.05
N SER A 116 4.35 9.07 -15.42
CA SER A 116 5.55 9.54 -16.12
CA SER A 116 5.56 9.53 -16.12
C SER A 116 6.78 8.77 -15.63
N GLY A 117 6.70 7.43 -15.66
CA GLY A 117 7.72 6.59 -15.13
C GLY A 117 8.77 6.17 -16.14
N ASN A 118 9.66 5.32 -15.70
CA ASN A 118 10.78 4.90 -16.52
C ASN A 118 10.87 3.38 -16.71
N CYS A 119 9.86 2.64 -16.23
CA CYS A 119 9.72 1.20 -16.47
C CYS A 119 8.37 0.85 -17.03
N GLN A 120 8.33 -0.32 -17.70
CA GLN A 120 7.13 -0.89 -18.36
CA GLN A 120 7.09 -0.85 -18.23
C GLN A 120 7.00 -2.36 -17.95
N THR A 121 5.77 -2.81 -17.63
CA THR A 121 5.56 -4.22 -17.33
C THR A 121 5.43 -4.99 -18.66
N LYS A 122 6.04 -6.16 -18.72
CA LYS A 122 5.91 -7.08 -19.84
C LYS A 122 5.63 -8.48 -19.27
N LEU A 123 4.86 -9.24 -20.04
CA LEU A 123 4.62 -10.62 -19.65
C LEU A 123 5.69 -11.48 -20.31
N HIS A 124 6.43 -12.25 -19.50
CA HIS A 124 7.48 -13.13 -19.99
C HIS A 124 7.13 -14.61 -19.71
N ASP A 125 7.07 -15.43 -20.76
CA ASP A 125 6.64 -16.81 -20.67
C ASP A 125 7.90 -17.66 -20.54
N ILE A 126 7.95 -18.53 -19.54
CA ILE A 126 9.01 -19.56 -19.48
C ILE A 126 8.29 -20.91 -19.46
N ASP A 127 8.37 -21.69 -20.54
CA ASP A 127 7.66 -22.98 -20.62
C ASP A 127 6.22 -22.98 -20.13
N GLY A 128 5.47 -21.96 -20.57
CA GLY A 128 4.07 -21.85 -20.30
C GLY A 128 3.72 -21.26 -18.96
N VAL A 129 4.72 -20.79 -18.22
CA VAL A 129 4.50 -20.13 -16.91
C VAL A 129 4.76 -18.65 -17.16
N PRO A 130 3.75 -17.80 -16.91
CA PRO A 130 3.89 -16.36 -17.10
C PRO A 130 4.62 -15.73 -15.92
N HIS A 131 5.54 -14.82 -16.25
CA HIS A 131 6.27 -14.04 -15.28
C HIS A 131 6.05 -12.57 -15.64
N LEU A 132 5.89 -11.71 -14.63
CA LEU A 132 5.72 -10.30 -14.86
C LEU A 132 7.05 -9.66 -14.62
N ILE A 133 7.54 -8.96 -15.65
CA ILE A 133 8.83 -8.31 -15.55
C ILE A 133 8.71 -6.87 -15.84
N LEU A 134 9.68 -6.12 -15.30
CA LEU A 134 9.83 -4.71 -15.60
C LEU A 134 11.07 -4.48 -16.44
N ILE A 135 10.86 -3.80 -17.55
CA ILE A 135 11.95 -3.41 -18.44
C ILE A 135 11.97 -1.88 -18.54
N ALA A 136 13.14 -1.32 -18.83
CA ALA A 136 13.32 0.12 -18.88
C ALA A 136 12.64 0.68 -20.12
N SER A 137 11.74 1.64 -19.93
CA SER A 137 11.00 2.27 -21.03
C SER A 137 11.80 3.44 -21.65
N ARG A 138 12.84 3.85 -20.96
CA ARG A 138 13.82 4.85 -21.48
C ARG A 138 15.12 4.58 -20.78
N ASP A 139 16.18 5.35 -21.09
CA ASP A 139 17.43 5.26 -20.34
C ASP A 139 17.19 5.80 -18.92
N ILE A 140 17.80 5.15 -17.93
CA ILE A 140 17.62 5.47 -16.53
C ILE A 140 19.02 5.70 -16.03
N ALA A 141 19.18 6.82 -15.36
CA ALA A 141 20.41 7.25 -14.70
C ALA A 141 20.40 6.78 -13.26
N ALA A 142 21.57 6.44 -12.74
CA ALA A 142 21.72 6.21 -11.33
C ALA A 142 21.15 7.37 -10.55
N GLY A 143 20.51 7.10 -9.42
CA GLY A 143 19.88 8.13 -8.55
C GLY A 143 18.36 8.26 -8.77
N GLU A 144 17.88 7.81 -9.91
CA GLU A 144 16.45 7.95 -10.25
C GLU A 144 15.59 6.91 -9.54
N GLU A 145 14.41 7.32 -9.06
CA GLU A 145 13.44 6.35 -8.61
C GLU A 145 12.93 5.54 -9.80
N LEU A 146 12.84 4.19 -9.65
CA LEU A 146 12.20 3.29 -10.59
C LEU A 146 10.67 3.41 -10.42
N LEU A 147 9.94 3.49 -11.52
CA LEU A 147 8.50 3.85 -11.54
C LEU A 147 7.86 3.28 -12.77
N TYR A 148 6.67 2.70 -12.64
CA TYR A 148 5.90 2.27 -13.79
C TYR A 148 4.46 2.65 -13.61
N ASP A 149 3.73 2.61 -14.71
CA ASP A 149 2.33 2.97 -14.67
C ASP A 149 1.53 1.72 -14.19
N TYR A 150 0.89 1.85 -13.04
CA TYR A 150 -0.01 0.86 -12.51
C TYR A 150 -1.38 0.78 -13.21
N GLY A 151 -1.63 1.56 -14.25
CA GLY A 151 -2.90 1.49 -14.96
C GLY A 151 -3.43 0.10 -15.28
N ASP A 152 -2.65 -0.72 -15.97
CA ASP A 152 -3.08 -2.06 -16.32
C ASP A 152 -3.34 -2.93 -15.09
N ARG A 153 -2.46 -2.83 -14.12
CA ARG A 153 -2.57 -3.55 -12.86
C ARG A 153 -3.89 -3.13 -12.15
N SER A 154 -4.16 -1.84 -12.15
CA SER A 154 -5.35 -1.29 -11.48
C SER A 154 -6.62 -1.79 -12.19
N LYS A 155 -6.62 -1.74 -13.53
CA LYS A 155 -7.78 -2.17 -14.32
C LYS A 155 -8.00 -3.65 -14.11
N ALA A 156 -6.92 -4.47 -14.01
CA ALA A 156 -7.10 -5.91 -13.78
C ALA A 156 -7.66 -6.21 -12.38
N SER A 157 -7.21 -5.48 -11.37
CA SER A 157 -7.78 -5.62 -10.02
C SER A 157 -9.28 -5.33 -10.01
N ILE A 158 -9.67 -4.25 -10.65
CA ILE A 158 -11.09 -3.90 -10.73
C ILE A 158 -11.90 -5.00 -11.40
N GLU A 159 -11.39 -5.57 -12.48
CA GLU A 159 -12.06 -6.66 -13.18
CA GLU A 159 -12.12 -6.64 -13.15
C GLU A 159 -12.23 -7.88 -12.28
N ALA A 160 -11.25 -8.13 -11.39
CA ALA A 160 -11.30 -9.20 -10.45
C ALA A 160 -12.22 -8.92 -9.26
N HIS A 161 -12.55 -7.66 -9.01
CA HIS A 161 -13.33 -7.24 -7.85
C HIS A 161 -14.58 -6.49 -8.29
N PRO A 162 -15.62 -7.22 -8.64
CA PRO A 162 -16.81 -6.48 -9.16
C PRO A 162 -17.40 -5.51 -8.17
N TRP A 163 -17.20 -5.76 -6.90
CA TRP A 163 -17.64 -4.87 -5.79
C TRP A 163 -16.99 -3.47 -5.93
N LEU A 164 -15.82 -3.40 -6.56
CA LEU A 164 -15.06 -2.14 -6.65
C LEU A 164 -15.37 -1.36 -7.91
N LYS A 165 -16.32 -1.83 -8.72
CA LYS A 165 -16.70 -1.15 -9.95
C LYS A 165 -17.63 0.02 -9.73
N HIS A 166 -18.33 -0.01 -8.60
CA HIS A 166 -19.32 0.98 -8.23
C HIS A 166 -19.30 1.22 -6.75
N SER B 14 -9.27 8.59 29.18
CA SER B 14 -8.86 9.86 28.43
C SER B 14 -8.89 11.09 29.33
N GLU B 15 -8.21 12.16 28.92
CA GLU B 15 -8.16 13.40 29.76
C GLU B 15 -9.48 14.22 29.69
N GLU B 16 -9.52 15.39 30.32
CA GLU B 16 -10.78 16.16 30.48
C GLU B 16 -11.54 16.35 29.16
N ARG B 17 -12.86 16.13 29.18
CA ARG B 17 -13.67 16.23 27.97
C ARG B 17 -13.56 17.60 27.25
N LYS B 18 -13.67 18.68 28.02
CA LYS B 18 -13.58 20.05 27.49
C LYS B 18 -12.33 20.26 26.68
N ARG B 19 -11.20 19.80 27.23
CA ARG B 19 -9.92 19.92 26.62
C ARG B 19 -9.88 19.10 25.32
N ILE B 20 -10.43 17.88 25.34
CA ILE B 20 -10.46 17.07 24.13
C ILE B 20 -11.28 17.74 23.04
N ASP B 21 -12.49 18.18 23.39
CA ASP B 21 -13.34 18.91 22.46
C ASP B 21 -12.59 20.09 21.83
N GLU B 22 -11.82 20.82 22.63
CA GLU B 22 -11.11 22.02 22.12
C GLU B 22 -10.03 21.63 21.13
N LEU B 23 -9.34 20.53 21.44
CA LEU B 23 -8.31 19.99 20.52
C LEU B 23 -8.85 19.45 19.24
N ILE B 24 -9.99 18.78 19.31
CA ILE B 24 -10.65 18.28 18.12
C ILE B 24 -11.07 19.44 17.24
N GLU B 25 -11.70 20.43 17.85
CA GLU B 25 -12.20 21.58 17.07
C GLU B 25 -11.09 22.41 16.43
N SER B 26 -10.01 22.65 17.15
CA SER B 26 -8.88 23.45 16.64
C SER B 26 -8.01 22.70 15.65
N GLY B 27 -7.98 21.37 15.72
CA GLY B 27 -7.09 20.60 14.84
C GLY B 27 -5.62 20.73 15.19
N LYS B 28 -5.30 21.20 16.39
CA LYS B 28 -3.90 21.39 16.77
C LYS B 28 -3.28 20.02 17.02
N GLU B 29 -2.12 19.83 16.42
CA GLU B 29 -1.47 18.52 16.39
C GLU B 29 -0.03 18.67 16.91
N GLU B 30 0.03 19.06 18.16
CA GLU B 30 1.25 19.29 18.88
C GLU B 30 1.94 17.99 19.22
N GLY B 31 3.24 17.95 19.03
CA GLY B 31 4.03 16.94 19.72
C GLY B 31 4.31 15.74 18.86
N MET B 32 4.13 15.87 17.56
CA MET B 32 4.51 14.78 16.67
C MET B 32 4.96 15.26 15.33
N LYS B 33 5.67 14.39 14.64
CA LYS B 33 6.19 14.68 13.30
C LYS B 33 6.14 13.44 12.47
N ILE B 34 6.06 13.65 11.17
CA ILE B 34 6.14 12.62 10.16
C ILE B 34 7.62 12.26 10.05
N ASP B 35 7.90 10.97 9.91
CA ASP B 35 9.25 10.54 9.61
C ASP B 35 9.24 9.36 8.67
N LEU B 36 10.43 9.05 8.16
CA LEU B 36 10.63 7.90 7.35
C LEU B 36 11.30 6.84 8.22
N ILE B 37 10.71 5.65 8.23
CA ILE B 37 11.12 4.54 9.11
C ILE B 37 11.53 3.30 8.34
N ASP B 38 12.73 2.79 8.59
CA ASP B 38 13.22 1.57 7.89
C ASP B 38 12.22 0.42 8.01
N GLY B 39 12.00 -0.30 6.92
CA GLY B 39 11.06 -1.42 6.85
C GLY B 39 9.58 -1.12 6.79
N LYS B 40 9.20 0.17 6.90
CA LYS B 40 7.82 0.58 6.95
C LYS B 40 7.47 1.65 5.93
N GLY B 41 8.30 2.69 5.80
CA GLY B 41 8.01 3.88 5.01
C GLY B 41 7.63 5.07 5.89
N ARG B 42 6.48 5.66 5.68
CA ARG B 42 6.06 6.79 6.52
C ARG B 42 5.58 6.28 7.88
N GLY B 43 5.84 7.07 8.93
CA GLY B 43 5.28 6.89 10.25
C GLY B 43 5.31 8.19 11.00
N VAL B 44 4.79 8.19 12.22
CA VAL B 44 4.70 9.36 13.04
C VAL B 44 5.50 9.15 14.33
N ILE B 45 6.38 10.09 14.64
CA ILE B 45 7.30 10.06 15.80
C ILE B 45 6.84 11.10 16.81
N ALA B 46 6.77 10.70 18.05
CA ALA B 46 6.51 11.65 19.15
C ALA B 46 7.72 12.62 19.30
N THR B 47 7.41 13.92 19.39
CA THR B 47 8.43 14.97 19.67
C THR B 47 8.28 15.60 21.06
N LYS B 48 7.31 15.09 21.83
CA LYS B 48 7.16 15.43 23.24
C LYS B 48 6.76 14.20 24.02
N GLN B 49 6.79 14.31 25.34
CA GLN B 49 6.32 13.25 26.23
C GLN B 49 4.78 13.33 26.30
N PHE B 50 4.12 12.17 26.31
CA PHE B 50 2.69 12.08 26.57
C PHE B 50 2.51 11.18 27.78
N SER B 51 1.56 11.53 28.65
CA SER B 51 1.17 10.71 29.76
C SER B 51 0.01 9.82 29.33
N ARG B 52 -0.07 8.65 29.96
CA ARG B 52 -1.18 7.72 29.73
C ARG B 52 -2.46 8.47 29.87
N GLY B 53 -3.36 8.27 28.91
CA GLY B 53 -4.65 8.95 28.83
C GLY B 53 -4.67 10.25 28.04
N ASP B 54 -3.51 10.82 27.76
CA ASP B 54 -3.45 12.06 27.00
C ASP B 54 -4.01 11.91 25.59
N PHE B 55 -4.73 12.93 25.12
CA PHE B 55 -5.05 13.05 23.73
C PHE B 55 -3.78 13.15 22.96
N VAL B 56 -3.61 12.33 21.93
CA VAL B 56 -2.48 12.40 21.02
C VAL B 56 -2.95 13.11 19.72
N VAL B 57 -3.96 12.57 19.04
CA VAL B 57 -4.36 13.15 17.74
C VAL B 57 -5.66 12.52 17.30
N GLU B 58 -6.40 13.22 16.45
CA GLU B 58 -7.59 12.70 15.83
C GLU B 58 -7.20 11.89 14.58
N TYR B 59 -7.91 10.79 14.31
CA TYR B 59 -7.87 10.15 12.98
C TYR B 59 -8.83 10.99 12.14
N HIS B 60 -8.25 11.96 11.45
CA HIS B 60 -9.02 13.03 10.81
C HIS B 60 -9.16 12.78 9.34
N GLY B 61 -10.40 12.92 8.86
CA GLY B 61 -10.68 12.77 7.47
C GLY B 61 -12.13 13.21 7.24
N ASP B 62 -12.73 12.69 6.18
CA ASP B 62 -14.14 12.91 5.90
C ASP B 62 -15.01 11.85 6.60
N LEU B 63 -15.90 12.28 7.50
CA LEU B 63 -16.82 11.34 8.11
C LEU B 63 -17.97 11.10 7.15
N ILE B 64 -18.19 9.84 6.73
CA ILE B 64 -19.19 9.50 5.77
C ILE B 64 -19.88 8.22 6.18
N GLU B 65 -21.02 7.96 5.55
CA GLU B 65 -21.72 6.71 5.74
C GLU B 65 -21.27 5.67 4.70
N ILE B 66 -21.63 4.43 4.98
CA ILE B 66 -21.12 3.31 4.21
C ILE B 66 -21.46 3.34 2.71
N THR B 67 -22.60 3.86 2.33
CA THR B 67 -22.95 4.00 0.91
C THR B 67 -21.96 4.89 0.15
N ASP B 68 -21.72 6.08 0.70
CA ASP B 68 -20.74 6.96 0.13
C ASP B 68 -19.33 6.35 0.19
N ALA B 69 -19.00 5.63 1.27
CA ALA B 69 -17.67 5.00 1.35
C ALA B 69 -17.45 4.01 0.20
N LYS B 70 -18.45 3.16 -0.09
CA LYS B 70 -18.35 2.25 -1.24
C LYS B 70 -18.09 2.98 -2.56
N LYS B 71 -18.87 4.01 -2.83
CA LYS B 71 -18.62 4.75 -4.05
C LYS B 71 -17.19 5.28 -4.06
N ARG B 72 -16.72 5.79 -2.92
CA ARG B 72 -15.38 6.32 -2.85
C ARG B 72 -14.34 5.24 -3.07
N GLU B 73 -14.61 4.04 -2.54
CA GLU B 73 -13.67 2.96 -2.77
C GLU B 73 -13.53 2.60 -4.24
N ALA B 74 -14.62 2.76 -4.98
CA ALA B 74 -14.62 2.53 -6.43
C ALA B 74 -13.79 3.56 -7.18
N LEU B 75 -13.82 4.80 -6.75
CA LEU B 75 -12.90 5.84 -7.30
C LEU B 75 -11.46 5.56 -6.96
N TYR B 76 -11.20 5.29 -5.67
CA TYR B 76 -9.83 5.04 -5.20
C TYR B 76 -9.17 3.84 -5.90
N ALA B 77 -9.97 2.81 -6.24
CA ALA B 77 -9.50 1.66 -6.95
C ALA B 77 -8.97 1.96 -8.37
N GLN B 78 -9.49 3.03 -8.97
CA GLN B 78 -9.00 3.53 -10.24
C GLN B 78 -7.78 4.45 -10.13
N ASP B 79 -7.39 4.86 -8.91
CA ASP B 79 -6.31 5.78 -8.67
C ASP B 79 -5.16 5.06 -7.97
N PRO B 80 -4.17 4.57 -8.74
CA PRO B 80 -3.08 3.81 -8.09
C PRO B 80 -2.27 4.56 -7.04
N SER B 81 -2.30 5.89 -6.99
CA SER B 81 -1.54 6.59 -5.95
C SER B 81 -2.15 6.47 -4.54
N THR B 82 -3.41 6.05 -4.44
CA THR B 82 -4.09 6.04 -3.15
C THR B 82 -3.66 4.88 -2.26
N GLY B 83 -3.56 5.16 -0.98
CA GLY B 83 -3.38 4.13 0.07
C GLY B 83 -4.73 3.75 0.69
N CYS B 84 -4.71 2.92 1.73
CA CYS B 84 -5.90 2.38 2.33
C CYS B 84 -6.12 3.17 3.62
N TYR B 85 -7.07 4.11 3.60
CA TYR B 85 -7.21 5.03 4.73
C TYR B 85 -8.60 5.08 5.20
N MET B 86 -9.41 4.07 4.87
CA MET B 86 -10.78 4.09 5.32
C MET B 86 -10.87 3.47 6.67
N TYR B 87 -11.38 4.18 7.66
CA TYR B 87 -11.51 3.60 8.99
C TYR B 87 -12.98 3.44 9.32
N TYR B 88 -13.46 2.21 9.29
CA TYR B 88 -14.88 1.95 9.51
C TYR B 88 -15.11 1.77 11.01
N PHE B 89 -16.33 2.08 11.42
CA PHE B 89 -16.75 1.96 12.82
C PHE B 89 -18.24 2.07 12.94
N GLN B 90 -18.74 1.70 14.09
CA GLN B 90 -20.16 1.69 14.38
C GLN B 90 -20.45 2.81 15.40
N TYR B 91 -21.46 3.61 15.14
CA TYR B 91 -21.94 4.59 16.11
C TYR B 91 -23.48 4.59 16.13
N LEU B 92 -24.00 4.36 17.35
CA LEU B 92 -25.46 4.26 17.64
C LEU B 92 -26.19 3.40 16.61
N SER B 93 -25.62 2.23 16.41
CA SER B 93 -26.14 1.17 15.54
C SER B 93 -25.71 1.27 14.11
N LYS B 94 -25.32 2.46 13.61
CA LYS B 94 -25.09 2.60 12.16
C LYS B 94 -23.62 2.47 11.85
N THR B 95 -23.28 2.09 10.63
CA THR B 95 -21.89 2.04 10.19
C THR B 95 -21.48 3.37 9.56
N TYR B 96 -20.34 3.90 9.99
CA TYR B 96 -19.72 5.10 9.42
C TYR B 96 -18.31 4.79 9.01
N CYS B 97 -17.66 5.76 8.40
CA CYS B 97 -16.27 5.63 7.95
C CYS B 97 -15.60 6.99 8.09
N VAL B 98 -14.40 7.05 8.67
CA VAL B 98 -13.57 8.22 8.46
C VAL B 98 -12.65 7.91 7.27
N ASP B 99 -12.85 8.64 6.19
CA ASP B 99 -12.06 8.51 4.96
C ASP B 99 -10.88 9.53 5.02
N ALA B 100 -9.69 9.03 5.25
CA ALA B 100 -8.48 9.88 5.28
C ALA B 100 -7.58 9.61 4.08
N THR B 101 -8.16 9.30 2.93
CA THR B 101 -7.40 8.89 1.77
C THR B 101 -6.63 10.06 1.18
N ARG B 102 -7.25 11.21 1.07
CA ARG B 102 -6.55 12.39 0.52
C ARG B 102 -5.33 12.77 1.35
N GLU B 103 -4.19 13.07 0.67
CA GLU B 103 -3.00 13.55 1.32
C GLU B 103 -3.22 14.96 1.90
N THR B 104 -3.22 15.05 3.24
CA THR B 104 -3.31 16.28 3.97
C THR B 104 -2.12 16.43 4.90
N ASN B 105 -2.14 17.49 5.70
CA ASN B 105 -1.13 17.71 6.73
C ASN B 105 -1.54 17.13 8.10
N ARG B 106 -2.70 16.47 8.17
CA ARG B 106 -3.19 15.90 9.41
C ARG B 106 -2.44 14.56 9.57
N LEU B 107 -1.99 14.28 10.76
CA LEU B 107 -1.05 13.21 10.98
C LEU B 107 -1.63 11.86 11.44
N GLY B 108 -2.81 11.86 12.04
CA GLY B 108 -3.35 10.60 12.56
C GLY B 108 -3.40 9.46 11.56
N ARG B 109 -3.74 9.79 10.33
CA ARG B 109 -3.84 8.84 9.24
C ARG B 109 -2.54 8.08 8.93
N LEU B 110 -1.40 8.66 9.31
CA LEU B 110 -0.10 8.05 9.02
C LEU B 110 0.43 7.22 10.15
N ILE B 111 -0.26 7.18 11.30
CA ILE B 111 0.17 6.33 12.41
C ILE B 111 -0.01 4.85 12.11
N ASN B 112 1.07 4.09 12.31
CA ASN B 112 1.13 2.67 11.91
C ASN B 112 0.59 1.73 13.00
N HIS B 113 0.52 0.46 12.64
CA HIS B 113 -0.09 -0.63 13.44
C HIS B 113 0.91 -1.28 14.37
N SER B 114 0.49 -1.50 15.59
CA SER B 114 1.13 -2.53 16.44
C SER B 114 0.15 -3.13 17.46
N LYS B 115 0.28 -4.44 17.72
CA LYS B 115 -0.45 -5.07 18.80
C LYS B 115 -0.01 -4.62 20.19
N SER B 116 1.19 -4.06 20.33
CA SER B 116 1.62 -3.53 21.63
C SER B 116 2.05 -2.06 21.45
N GLY B 117 1.18 -1.32 20.78
CA GLY B 117 1.42 0.07 20.51
C GLY B 117 1.26 0.88 21.77
N ASN B 118 1.53 2.16 21.63
CA ASN B 118 1.44 3.09 22.74
C ASN B 118 0.19 4.04 22.64
N CYS B 119 -0.68 3.85 21.67
CA CYS B 119 -1.92 4.60 21.53
C CYS B 119 -3.08 3.61 21.38
N GLN B 120 -4.29 4.10 21.68
CA GLN B 120 -5.55 3.34 21.55
C GLN B 120 -6.61 4.25 20.94
N THR B 121 -7.47 3.66 20.09
CA THR B 121 -8.62 4.39 19.46
C THR B 121 -9.72 4.55 20.50
N LYS B 122 -10.32 5.69 20.49
CA LYS B 122 -11.47 5.94 21.34
C LYS B 122 -12.47 6.63 20.47
N LEU B 123 -13.73 6.23 20.55
CA LEU B 123 -14.77 6.99 19.88
C LEU B 123 -15.22 8.10 20.82
N HIS B 124 -15.04 9.35 20.36
CA HIS B 124 -15.38 10.51 21.16
C HIS B 124 -16.36 11.36 20.42
N ASP B 125 -17.63 11.37 20.89
CA ASP B 125 -18.63 12.12 20.14
C ASP B 125 -18.85 13.53 20.71
N ILE B 126 -19.16 14.47 19.83
CA ILE B 126 -19.44 15.86 20.23
C ILE B 126 -20.77 16.24 19.60
N ASP B 127 -21.77 16.54 20.43
CA ASP B 127 -23.08 16.95 19.94
C ASP B 127 -23.64 16.02 18.88
N GLY B 128 -23.43 14.72 19.04
CA GLY B 128 -24.05 13.76 18.13
C GLY B 128 -23.20 13.42 16.95
N VAL B 129 -22.01 14.01 16.86
CA VAL B 129 -21.06 13.70 15.77
C VAL B 129 -19.88 12.88 16.31
N PRO B 130 -19.68 11.66 15.77
CA PRO B 130 -18.59 10.83 16.29
C PRO B 130 -17.20 11.24 15.73
N HIS B 131 -16.19 11.19 16.57
CA HIS B 131 -14.80 11.38 16.11
C HIS B 131 -13.96 10.21 16.55
N LEU B 132 -13.05 9.72 15.70
CA LEU B 132 -12.12 8.64 16.16
C LEU B 132 -10.87 9.36 16.57
N ILE B 133 -10.48 9.17 17.82
CA ILE B 133 -9.28 9.83 18.34
C ILE B 133 -8.35 8.79 18.91
N LEU B 134 -7.08 9.15 18.94
CA LEU B 134 -6.06 8.36 19.57
C LEU B 134 -5.67 8.99 20.89
N ILE B 135 -5.65 8.13 21.91
CA ILE B 135 -5.28 8.42 23.27
CA ILE B 135 -5.16 8.52 23.21
C ILE B 135 -4.01 7.63 23.63
N ALA B 136 -3.13 8.18 24.46
CA ALA B 136 -1.96 7.46 24.87
C ALA B 136 -2.34 6.34 25.82
N SER B 137 -1.93 5.13 25.46
CA SER B 137 -2.30 3.89 26.19
C SER B 137 -1.35 3.64 27.36
N ARG B 138 -0.23 4.37 27.34
CA ARG B 138 0.81 4.31 28.38
C ARG B 138 1.61 5.57 28.26
N ASP B 139 2.54 5.80 29.19
CA ASP B 139 3.41 6.96 29.02
C ASP B 139 4.25 6.76 27.74
N ILE B 140 4.44 7.85 26.98
CA ILE B 140 5.23 7.88 25.74
C ILE B 140 6.41 8.82 25.87
N ALA B 141 7.62 8.32 25.64
CA ALA B 141 8.79 9.18 25.50
C ALA B 141 8.93 9.84 24.12
N ALA B 142 9.53 11.02 24.11
CA ALA B 142 9.85 11.65 22.85
C ALA B 142 10.84 10.72 22.12
N GLY B 143 10.66 10.59 20.83
CA GLY B 143 11.47 9.72 19.94
C GLY B 143 10.78 8.39 19.61
N GLU B 144 9.78 7.99 20.38
CA GLU B 144 9.06 6.73 20.09
C GLU B 144 8.14 6.91 18.88
N GLU B 145 8.02 5.88 18.04
CA GLU B 145 7.01 5.85 17.02
C GLU B 145 5.66 5.67 17.69
N LEU B 146 4.68 6.46 17.24
CA LEU B 146 3.30 6.34 17.69
C LEU B 146 2.69 5.16 16.95
N LEU B 147 2.00 4.31 17.66
CA LEU B 147 1.47 3.06 17.05
C LEU B 147 0.19 2.67 17.79
N TYR B 148 -0.76 2.13 17.06
CA TYR B 148 -1.98 1.58 17.71
C TYR B 148 -2.39 0.28 17.08
N ASP B 149 -3.19 -0.49 17.82
CA ASP B 149 -3.70 -1.80 17.34
C ASP B 149 -4.80 -1.53 16.31
N TYR B 150 -4.52 -1.83 15.06
CA TYR B 150 -5.49 -1.79 13.99
C TYR B 150 -6.50 -3.01 14.05
N GLY B 151 -6.40 -3.95 14.99
CA GLY B 151 -7.43 -5.06 15.04
C GLY B 151 -8.92 -4.65 14.86
N ASP B 152 -9.40 -3.68 15.63
CA ASP B 152 -10.78 -3.22 15.49
C ASP B 152 -11.07 -2.62 14.13
N ARG B 153 -10.13 -1.85 13.62
CA ARG B 153 -10.21 -1.29 12.30
C ARG B 153 -10.35 -2.37 11.24
N SER B 154 -9.48 -3.35 11.36
CA SER B 154 -9.45 -4.51 10.48
C SER B 154 -10.79 -5.24 10.51
N LYS B 155 -11.23 -5.60 11.72
CA LYS B 155 -12.55 -6.26 11.90
C LYS B 155 -13.67 -5.50 11.23
N ALA B 156 -13.69 -4.16 11.40
CA ALA B 156 -14.79 -3.34 10.85
C ALA B 156 -14.73 -3.25 9.34
N SER B 157 -13.51 -3.25 8.82
CA SER B 157 -13.33 -3.28 7.37
C SER B 157 -13.96 -4.53 6.78
N ILE B 158 -13.66 -5.65 7.41
CA ILE B 158 -14.16 -6.96 7.01
C ILE B 158 -15.67 -7.01 7.10
N GLU B 159 -16.24 -6.46 8.18
CA GLU B 159 -17.68 -6.39 8.35
CA GLU B 159 -17.69 -6.47 8.29
C GLU B 159 -18.36 -5.56 7.26
N ALA B 160 -17.69 -4.49 6.82
CA ALA B 160 -18.18 -3.58 5.79
C ALA B 160 -18.01 -4.12 4.37
N HIS B 161 -17.14 -5.11 4.18
CA HIS B 161 -16.95 -5.76 2.88
C HIS B 161 -17.23 -7.28 3.02
N PRO B 162 -18.52 -7.69 2.91
CA PRO B 162 -18.85 -9.10 3.18
C PRO B 162 -18.16 -10.04 2.23
N TRP B 163 -17.73 -9.56 1.06
CA TRP B 163 -16.99 -10.32 0.09
C TRP B 163 -15.57 -10.70 0.53
N LEU B 164 -15.05 -10.00 1.53
CA LEU B 164 -13.83 -10.43 2.24
C LEU B 164 -14.10 -11.40 3.42
N LYS B 165 -15.32 -11.95 3.49
CA LYS B 165 -15.75 -12.83 4.61
C1 9SV C . -4.36 -3.50 3.84
C2 9SV C . -3.82 -3.36 2.46
C3 9SV C . -4.18 -5.81 2.18
C4 9SV C . -4.75 -5.82 3.56
C6 9SV C . -4.68 -3.42 -0.57
C13 9SV C . -7.44 -3.96 -3.13
C14 9SV C . -6.41 -4.98 0.34
O1 9SV C . -6.87 -5.61 1.26
C5 9SV C . -5.05 -4.25 0.46
N1 9SV C . -4.29 -4.46 1.60
N 9SV C . -4.07 -4.82 4.39
C 9SV C . -4.52 -4.91 5.77
C9 9SV C . -7.15 -4.87 -0.91
C10 9SV C . -8.31 -5.62 -1.09
C11 9SV C . -9.03 -5.53 -2.26
C12 9SV C . -8.61 -4.69 -3.27
C8 9SV C . -6.71 -4.04 -1.95
C7 9SV C . -5.46 -3.24 -1.78
O 9SV C . -5.11 -2.41 -2.66
UNK UNX D . 9.91 9.30 -17.91
UNK UNX E . -3.22 -4.22 -7.78
UNK UNX F . 7.17 -14.41 -23.65
UNK UNX G . -2.35 -2.97 -5.41
UNK UNX H . -0.11 0.51 -17.11
UNK UNX I . 0.52 -8.14 -18.22
UNK UNX J . 0.52 -5.44 -16.57
UNK UNX K . 11.86 -15.37 -28.82
UNK UNX L . 11.32 -0.39 -23.37
UNK UNX M . 11.63 -8.63 -7.46
UNK UNX N . 6.40 -12.89 -11.98
UNK UNX O . 5.26 -15.75 -12.08
UNK UNX P . 3.31 -2.59 -5.34
UNK UNX Q . 1.55 -1.35 -3.38
UNK UNX R . -22.36 -3.55 -7.96
C1 9SV S . -4.73 0.66 -3.28
C2 9SV S . -4.94 0.72 -1.78
C3 9SV S . -7.02 1.93 -2.15
C4 9SV S . -6.79 1.81 -3.64
C6 9SV S . -6.64 -0.60 0.50
C13 9SV S . -9.59 -2.74 1.62
C14 9SV S . -8.33 -0.70 -1.32
O1 9SV S . -8.65 -0.45 -2.51
C5 9SV S . -7.07 -0.13 -0.73
N1 9SV S . -6.38 0.79 -1.48
N 9SV S . -5.37 1.80 -3.94
C 9SV S . -5.17 1.74 -5.39
C9 9SV S . -9.17 -1.56 -0.46
C10 9SV S . -10.42 -1.98 -0.93
C11 9SV S . -11.22 -2.78 -0.14
C12 9SV S . -10.82 -3.13 1.14
C8 9SV S . -8.73 -1.96 0.82
C7 9SV S . -7.40 -1.55 1.33
O 9SV S . -6.91 -2.01 2.42
UNK UNX T . -4.82 10.22 -2.49
UNK UNX U . -7.73 10.69 -3.13
UNK UNX V . -9.77 -0.32 6.82
UNK UNX W . -11.05 14.09 1.29
UNK UNX X . -17.77 15.87 23.79
UNK UNX Y . 2.72 14.15 0.63
UNK UNX Z . -1.29 8.47 -0.62
UNK UNX AA . -9.82 12.24 2.84
UNK UNX BA . 6.72 2.69 19.46
UNK UNX CA . 9.75 3.52 19.03
UNK UNX DA . -21.22 8.88 24.15
UNK UNX EA . -3.63 11.85 30.97
UNK UNX FA . 12.80 0.19 4.09
UNK UNX GA . -4.77 -7.16 16.56
UNK UNX HA . 4.16 12.83 4.03
UNK UNX IA . -1.98 2.01 2.33
UNK UNX JA . -17.83 17.80 15.85
UNK UNX KA . -20.45 18.36 16.70
UNK UNX LA . 1.22 -0.16 9.78
UNK UNX MA . -18.28 0.57 1.53
UNK UNX NA . 5.56 16.64 10.24
#